data_4OJE
#
_entry.id   4OJE
#
_cell.length_a   106.886
_cell.length_b   106.886
_cell.length_c   135.620
_cell.angle_alpha   90.00
_cell.angle_beta   90.00
_cell.angle_gamma   120.00
#
_symmetry.space_group_name_H-M   'P 63'
#
loop_
_entity.id
_entity.type
_entity.pdbx_description
1 polymer EFF-1A
2 branched 2-acetamido-2-deoxy-beta-D-glucopyranose-(1-4)-2-acetamido-2-deoxy-beta-D-glucopyranose
3 non-polymer 2-acetamido-2-deoxy-beta-D-glucopyranose
4 non-polymer 'PHOSPHATE ION'
5 water water
#
_entity_poly.entity_id   1
_entity_poly.type   'polypeptide(L)'
_entity_poly.pdbx_seq_one_letter_code
;RSFPLEEKFDGLFRAEPPHCSKTPIVRAQTSQNAMSSIARGMQMQFSIGLHTAVCFRLYEDTQLASQEINDDENAGNQTS
LLHTIRLEKLEHHHPITQRYTFGIPEVHASCICECDATSSTCTAESHQFTACPESDKSDETSSCYRTFFPNQTPIGCSED
DIPKLCCDVRFKPYKNMTFLAVKLEQPTTYATFVYAAYDFVNGYWVEKDKTKIRSQLDGGTQDRHLDQKRRISLAVTAGG
RASHQLETGMYFSRTSNGGETEELRMQPLNEITDNNFDRLGWYRMDDSGHFHVNNGVVKMDDIHKAKVKNCKEQTYKSIL
SANHYMPGHFNLTRPLEVIKPWIQSARIFDSSLRQAVVTHAEGTNLQISIHLDDEVESQNLVFFHNASRIRDFSGSIIVD
SKSNRLFNLTVYEASGKIDGSVKMSTGFGSDTIHTFTAYVSDLHASNRSMIIPLPAIVGQGARAICLRADSMADIDKICH
VIEYFESPLFEDDDDKAGWSHPQFEKGGGSGGGSGGGSWSHPQFEK
;
_entity_poly.pdbx_strand_id   H
#
# COMPACT_ATOMS: atom_id res chain seq x y z
N ARG A 14 -17.17 -31.47 -0.29
CA ARG A 14 -16.00 -31.16 0.52
C ARG A 14 -16.09 -29.81 1.25
N ALA A 15 -17.05 -28.94 0.85
CA ALA A 15 -17.24 -27.61 1.44
C ALA A 15 -17.80 -27.63 2.86
N GLU A 16 -17.12 -26.91 3.77
CA GLU A 16 -17.51 -26.76 5.17
C GLU A 16 -17.87 -25.31 5.50
N PRO A 17 -18.83 -25.06 6.43
CA PRO A 17 -19.21 -23.67 6.74
C PRO A 17 -18.13 -22.83 7.45
N PRO A 18 -18.28 -21.49 7.59
CA PRO A 18 -17.25 -20.74 8.33
C PRO A 18 -17.58 -20.75 9.81
N HIS A 19 -16.66 -20.30 10.67
CA HIS A 19 -16.96 -20.23 12.11
C HIS A 19 -18.07 -19.19 12.28
N CYS A 20 -19.18 -19.65 12.86
CA CYS A 20 -20.36 -18.85 13.18
C CYS A 20 -20.03 -18.05 14.44
N SER A 21 -19.92 -16.74 14.27
CA SER A 21 -19.53 -15.80 15.31
C SER A 21 -20.61 -15.52 16.34
N LYS A 22 -20.20 -15.40 17.62
CA LYS A 22 -21.10 -15.05 18.72
C LYS A 22 -21.43 -13.58 18.54
N THR A 23 -22.69 -13.28 18.20
CA THR A 23 -23.14 -11.91 17.98
C THR A 23 -24.42 -11.55 18.75
N PRO A 24 -24.49 -10.35 19.39
CA PRO A 24 -25.74 -9.93 20.04
C PRO A 24 -26.72 -9.44 18.96
N ILE A 25 -27.98 -9.81 19.06
CA ILE A 25 -29.00 -9.43 18.09
C ILE A 25 -29.94 -8.41 18.70
N VAL A 26 -30.35 -7.44 17.89
CA VAL A 26 -31.27 -6.37 18.30
C VAL A 26 -32.58 -6.51 17.51
N ARG A 27 -33.71 -6.61 18.23
CA ARG A 27 -35.02 -6.67 17.58
C ARG A 27 -35.42 -5.23 17.23
N ALA A 28 -35.59 -4.99 15.93
CA ALA A 28 -36.05 -3.76 15.36
C ALA A 28 -37.44 -4.04 14.76
N GLN A 29 -38.32 -3.05 14.84
CA GLN A 29 -39.69 -3.13 14.33
C GLN A 29 -39.81 -2.09 13.23
N THR A 30 -40.26 -2.51 12.05
CA THR A 30 -40.40 -1.61 10.91
C THR A 30 -41.55 -0.68 11.15
N SER A 31 -41.45 0.56 10.62
CA SER A 31 -42.53 1.56 10.65
C SER A 31 -43.77 0.99 9.91
N GLN A 32 -44.95 1.63 10.04
CA GLN A 32 -46.16 1.11 9.38
C GLN A 32 -46.73 2.05 8.34
N ASN A 33 -47.36 1.50 7.30
CA ASN A 33 -48.04 2.31 6.30
C ASN A 33 -49.54 2.18 6.49
N ALA A 34 -50.33 3.05 5.84
CA ALA A 34 -51.79 3.03 5.93
C ALA A 34 -52.38 1.83 5.13
N MET A 35 -51.75 0.64 5.30
CA MET A 35 -52.06 -0.66 4.67
C MET A 35 -51.65 -1.82 5.60
N SER A 36 -52.51 -2.86 5.71
CA SER A 36 -52.35 -4.09 6.52
C SER A 36 -52.11 -3.81 8.00
N ARG A 40 -47.11 -6.17 12.12
CA ARG A 40 -45.92 -5.40 11.73
C ARG A 40 -44.69 -6.27 11.45
N GLY A 41 -43.76 -5.71 10.66
CA GLY A 41 -42.52 -6.37 10.22
C GLY A 41 -41.34 -6.21 11.16
N MET A 42 -40.82 -7.34 11.66
CA MET A 42 -39.68 -7.37 12.56
C MET A 42 -38.38 -7.61 11.83
N GLN A 43 -37.33 -6.90 12.25
CA GLN A 43 -36.01 -7.01 11.68
C GLN A 43 -34.99 -7.43 12.73
N MET A 44 -33.93 -8.10 12.32
CA MET A 44 -32.90 -8.56 13.22
C MET A 44 -31.67 -7.78 12.90
N GLN A 45 -31.16 -7.06 13.89
CA GLN A 45 -30.00 -6.21 13.69
C GLN A 45 -28.78 -6.63 14.51
N PHE A 46 -27.60 -6.42 13.96
CA PHE A 46 -26.31 -6.80 14.56
C PHE A 46 -25.15 -6.16 13.79
N SER A 47 -23.99 -6.05 14.45
CA SER A 47 -22.75 -5.56 13.88
C SER A 47 -21.94 -6.78 13.41
N ILE A 48 -21.39 -6.73 12.18
CA ILE A 48 -20.56 -7.81 11.61
C ILE A 48 -19.11 -7.30 11.46
N GLY A 49 -18.17 -8.08 11.99
CA GLY A 49 -16.76 -7.73 11.92
C GLY A 49 -16.15 -8.16 10.61
N LEU A 50 -15.11 -7.44 10.16
CA LEU A 50 -14.42 -7.78 8.93
C LEU A 50 -13.74 -9.12 9.10
N HIS A 51 -13.90 -10.02 8.10
CA HIS A 51 -13.36 -11.38 8.07
C HIS A 51 -14.09 -12.34 9.05
N THR A 52 -15.32 -12.00 9.43
CA THR A 52 -16.14 -12.85 10.29
C THR A 52 -17.41 -13.25 9.58
N ALA A 53 -18.03 -14.34 10.03
CA ALA A 53 -19.27 -14.85 9.48
C ALA A 53 -20.31 -14.93 10.56
N VAL A 54 -21.59 -14.81 10.15
CA VAL A 54 -22.75 -14.87 11.03
C VAL A 54 -23.67 -15.98 10.43
N CYS A 55 -24.17 -16.90 11.25
CA CYS A 55 -25.02 -17.99 10.78
C CYS A 55 -26.43 -17.97 11.39
N PHE A 56 -27.43 -18.29 10.58
CA PHE A 56 -28.83 -18.34 11.04
C PHE A 56 -29.69 -19.41 10.34
N ARG A 57 -30.70 -19.91 11.05
CA ARG A 57 -31.66 -20.86 10.50
C ARG A 57 -33.03 -20.19 10.34
N LEU A 58 -33.83 -20.68 9.37
CA LEU A 58 -35.14 -20.09 9.10
C LEU A 58 -36.30 -21.06 9.32
N TYR A 59 -37.28 -20.65 10.15
CA TYR A 59 -38.45 -21.43 10.54
C TYR A 59 -39.74 -20.72 10.16
N LEU A 81 -31.51 -26.07 6.53
CA LEU A 81 -30.73 -25.16 5.67
C LEU A 81 -30.12 -23.96 6.43
N LEU A 82 -28.80 -24.03 6.72
CA LEU A 82 -28.00 -23.03 7.44
C LEU A 82 -27.44 -21.93 6.52
N HIS A 83 -27.90 -20.69 6.70
CA HIS A 83 -27.50 -19.51 5.93
C HIS A 83 -26.34 -18.81 6.64
N THR A 84 -25.27 -18.52 5.89
CA THR A 84 -24.09 -17.88 6.46
C THR A 84 -23.77 -16.61 5.70
N ILE A 85 -23.44 -15.51 6.41
CA ILE A 85 -23.01 -14.24 5.78
C ILE A 85 -21.61 -13.97 6.28
N ARG A 86 -20.64 -13.87 5.36
CA ARG A 86 -19.26 -13.54 5.72
C ARG A 86 -18.87 -12.21 5.12
N LEU A 87 -18.27 -11.30 5.93
CA LEU A 87 -17.76 -10.05 5.41
C LEU A 87 -16.36 -10.36 4.90
N GLU A 88 -16.28 -10.70 3.60
CA GLU A 88 -15.06 -11.12 2.94
C GLU A 88 -14.02 -10.03 2.73
N LYS A 89 -14.44 -8.92 2.13
CA LYS A 89 -13.56 -7.83 1.74
C LYS A 89 -14.09 -6.45 2.10
N LEU A 90 -13.18 -5.54 2.40
CA LEU A 90 -13.46 -4.13 2.54
C LEU A 90 -12.49 -3.47 1.57
N GLU A 91 -12.99 -2.73 0.59
CA GLU A 91 -12.14 -2.12 -0.43
C GLU A 91 -12.36 -0.64 -0.70
N HIS A 92 -11.27 0.07 -1.02
CA HIS A 92 -11.37 1.45 -1.50
C HIS A 92 -11.06 1.46 -3.00
N HIS A 93 -11.98 2.02 -3.79
CA HIS A 93 -11.75 2.12 -5.25
C HIS A 93 -11.46 3.57 -5.52
N HIS A 94 -10.16 3.92 -5.63
CA HIS A 94 -9.66 5.28 -5.86
C HIS A 94 -9.61 5.63 -7.34
N PRO A 95 -10.27 6.70 -7.80
CA PRO A 95 -10.09 7.08 -9.21
C PRO A 95 -8.67 7.55 -9.43
N ILE A 96 -8.07 7.16 -10.58
CA ILE A 96 -6.75 7.56 -11.02
C ILE A 96 -6.88 8.84 -11.85
N THR A 97 -6.52 9.98 -11.26
CA THR A 97 -6.67 11.30 -11.93
C THR A 97 -5.47 11.76 -12.75
N GLN A 98 -4.30 11.14 -12.54
CA GLN A 98 -3.05 11.45 -13.28
C GLN A 98 -2.34 10.16 -13.61
N ARG A 99 -1.63 10.14 -14.73
CA ARG A 99 -0.85 9.00 -15.21
C ARG A 99 0.28 9.45 -16.08
N TYR A 100 1.48 9.01 -15.75
CA TYR A 100 2.66 9.17 -16.59
C TYR A 100 3.59 8.05 -16.28
N THR A 101 4.43 7.72 -17.26
CA THR A 101 5.41 6.66 -17.25
C THR A 101 6.76 7.29 -17.04
N PHE A 102 7.51 6.74 -16.08
CA PHE A 102 8.85 7.22 -15.79
C PHE A 102 9.82 6.06 -15.62
N GLY A 103 11.09 6.39 -15.60
CA GLY A 103 12.16 5.44 -15.40
C GLY A 103 13.18 6.09 -14.50
N ILE A 104 14.26 5.35 -14.22
CA ILE A 104 15.37 5.81 -13.39
C ILE A 104 16.51 6.12 -14.35
N PRO A 105 16.91 7.40 -14.40
CA PRO A 105 18.01 7.76 -15.32
C PRO A 105 19.39 7.31 -14.86
N GLU A 106 20.18 6.86 -15.81
CA GLU A 106 21.59 6.54 -15.65
C GLU A 106 22.28 7.75 -16.30
N VAL A 107 22.94 8.58 -15.48
CA VAL A 107 23.61 9.83 -15.86
C VAL A 107 25.12 9.69 -16.04
N HIS A 108 25.61 10.21 -17.17
CA HIS A 108 27.02 10.36 -17.52
C HIS A 108 27.20 11.75 -18.12
N ALA A 109 28.14 12.53 -17.58
CA ALA A 109 28.47 13.86 -18.10
C ALA A 109 29.88 13.82 -18.66
N SER A 110 30.13 14.49 -19.78
CA SER A 110 31.47 14.57 -20.37
C SER A 110 31.71 16.03 -20.76
N CYS A 111 32.84 16.60 -20.36
CA CYS A 111 33.15 18.01 -20.62
C CYS A 111 34.45 18.23 -21.39
N ILE A 112 34.54 19.37 -22.10
CA ILE A 112 35.74 19.82 -22.83
C ILE A 112 35.99 21.25 -22.44
N CYS A 113 37.25 21.62 -22.20
CA CYS A 113 37.64 22.95 -21.81
C CYS A 113 38.38 23.69 -22.93
N GLU A 114 38.15 25.00 -23.05
CA GLU A 114 38.87 25.92 -23.94
C GLU A 114 39.50 26.97 -23.06
N CYS A 115 40.84 27.11 -23.14
CA CYS A 115 41.62 28.07 -22.36
C CYS A 115 41.29 29.50 -22.69
N ASP A 116 40.98 29.78 -23.97
CA ASP A 116 40.70 31.11 -24.48
C ASP A 116 39.19 31.36 -24.58
N ALA A 117 38.69 32.34 -23.82
CA ALA A 117 37.26 32.72 -23.76
C ALA A 117 36.68 33.18 -25.11
N THR A 118 37.54 33.56 -26.07
CA THR A 118 37.11 34.06 -27.37
C THR A 118 37.13 32.97 -28.44
N SER A 119 37.47 31.72 -28.04
CA SER A 119 37.54 30.58 -28.94
C SER A 119 36.17 30.29 -29.55
N SER A 120 36.15 30.00 -30.86
CA SER A 120 34.96 29.64 -31.65
C SER A 120 34.32 28.35 -31.12
N THR A 121 35.18 27.48 -30.50
CA THR A 121 34.88 26.20 -29.86
C THR A 121 34.38 26.49 -28.43
N CYS A 122 33.29 25.85 -28.03
CA CYS A 122 32.64 25.97 -26.74
C CYS A 122 32.00 27.37 -26.54
N THR A 123 30.69 27.49 -26.84
CA THR A 123 29.98 28.76 -26.74
C THR A 123 28.60 28.56 -26.13
N ALA A 124 27.91 29.66 -25.80
CA ALA A 124 26.53 29.60 -25.31
C ALA A 124 25.63 29.20 -26.50
N GLU A 125 26.05 29.49 -27.74
CA GLU A 125 25.30 29.06 -28.93
C GLU A 125 25.17 27.55 -29.02
N SER A 126 26.29 26.87 -28.84
CA SER A 126 26.40 25.44 -28.99
C SER A 126 26.06 24.66 -27.74
N HIS A 127 26.23 25.25 -26.53
CA HIS A 127 26.06 24.50 -25.29
C HIS A 127 25.11 25.03 -24.25
N GLN A 128 24.47 26.17 -24.49
CA GLN A 128 23.56 26.69 -23.51
C GLN A 128 22.16 26.58 -24.02
N PHE A 129 21.27 25.96 -23.24
CA PHE A 129 19.85 25.70 -23.55
C PHE A 129 19.67 24.97 -24.86
N THR A 130 20.36 23.85 -24.96
CA THR A 130 20.31 23.06 -26.18
C THR A 130 20.58 21.58 -25.93
N ALA A 131 19.92 20.74 -26.72
CA ALA A 131 20.14 19.30 -26.68
C ALA A 131 21.42 19.08 -27.46
N CYS A 132 22.06 17.94 -27.26
CA CYS A 132 23.27 17.60 -28.01
C CYS A 132 22.90 17.40 -29.48
N PRO A 133 23.76 17.83 -30.43
CA PRO A 133 23.42 17.69 -31.87
C PRO A 133 23.35 16.25 -32.36
N GLU A 134 22.68 16.05 -33.53
CA GLU A 134 22.56 14.76 -34.22
C GLU A 134 23.97 14.18 -34.50
N SER A 135 24.94 15.07 -34.89
CA SER A 135 26.36 14.75 -35.15
C SER A 135 27.09 14.19 -33.91
N ASP A 136 26.62 14.59 -32.71
CA ASP A 136 27.16 14.18 -31.40
C ASP A 136 26.67 12.77 -31.05
N LYS A 137 27.58 11.74 -31.22
CA LYS A 137 27.40 10.30 -30.98
C LYS A 137 26.27 9.97 -30.01
N SER A 138 25.12 9.60 -30.58
CA SER A 138 23.87 9.37 -29.87
C SER A 138 23.30 7.93 -29.94
N ASP A 139 23.05 7.34 -28.76
CA ASP A 139 22.40 6.03 -28.63
C ASP A 139 20.89 6.32 -28.71
N GLU A 140 20.11 5.43 -29.38
CA GLU A 140 18.66 5.58 -29.58
C GLU A 140 17.89 5.81 -28.27
N THR A 141 18.23 5.04 -27.21
CA THR A 141 17.59 5.11 -25.90
C THR A 141 18.05 6.31 -25.03
N SER A 142 19.18 6.91 -25.40
CA SER A 142 19.80 8.05 -24.71
C SER A 142 19.19 9.39 -25.08
N SER A 143 19.24 10.33 -24.12
CA SER A 143 18.81 11.73 -24.26
C SER A 143 20.01 12.55 -23.78
N CYS A 144 20.34 13.61 -24.51
CA CYS A 144 21.55 14.36 -24.24
C CYS A 144 21.29 15.86 -24.19
N TYR A 145 21.65 16.49 -23.06
CA TYR A 145 21.45 17.94 -22.85
C TYR A 145 22.81 18.63 -22.63
N ARG A 146 22.95 19.86 -23.12
CA ARG A 146 24.20 20.61 -22.96
C ARG A 146 24.23 21.68 -21.88
N THR A 147 25.44 21.85 -21.28
CA THR A 147 25.77 22.87 -20.29
C THR A 147 27.00 23.68 -20.67
N PHE A 148 27.01 24.94 -20.24
CA PHE A 148 28.06 25.90 -20.58
C PHE A 148 28.54 26.61 -19.34
N PHE A 149 29.82 26.51 -19.06
CA PHE A 149 30.41 27.10 -17.86
C PHE A 149 31.61 28.02 -18.20
N PRO A 150 31.36 29.33 -18.49
CA PRO A 150 32.48 30.26 -18.69
C PRO A 150 33.06 30.67 -17.32
N ASN A 151 34.02 31.60 -17.29
CA ASN A 151 34.60 32.11 -16.03
C ASN A 151 35.33 31.11 -15.17
N GLN A 152 35.99 30.18 -15.85
CA GLN A 152 36.81 29.16 -15.20
C GLN A 152 38.20 29.78 -14.88
N THR A 153 38.89 29.18 -13.91
CA THR A 153 40.22 29.54 -13.44
C THR A 153 41.24 28.96 -14.45
N PRO A 154 42.28 29.75 -14.86
CA PRO A 154 43.24 29.23 -15.85
C PRO A 154 44.23 28.17 -15.36
N ILE A 155 43.76 27.13 -14.63
CA ILE A 155 44.64 26.02 -14.26
C ILE A 155 44.89 25.21 -15.55
N GLY A 156 46.14 25.19 -15.99
CA GLY A 156 46.55 24.54 -17.22
C GLY A 156 46.68 25.51 -18.40
N CYS A 157 46.42 26.82 -18.14
CA CYS A 157 46.49 27.90 -19.13
C CYS A 157 47.48 28.97 -18.69
N SER A 158 47.48 30.10 -19.43
CA SER A 158 48.27 31.30 -19.13
C SER A 158 47.48 32.12 -18.11
N GLU A 159 48.17 32.88 -17.25
CA GLU A 159 47.59 33.69 -16.17
C GLU A 159 46.38 34.57 -16.53
N ASP A 160 46.32 35.06 -17.78
CA ASP A 160 45.32 36.00 -18.29
C ASP A 160 44.17 35.35 -19.03
N ASP A 161 44.18 34.03 -19.13
CA ASP A 161 43.12 33.28 -19.77
C ASP A 161 41.92 33.15 -18.86
N ILE A 162 40.70 33.19 -19.44
CA ILE A 162 39.49 32.97 -18.66
C ILE A 162 38.77 31.75 -19.31
N PRO A 163 39.19 30.51 -18.97
CA PRO A 163 38.60 29.32 -19.62
C PRO A 163 37.09 29.18 -19.54
N LYS A 164 36.58 28.37 -20.46
CA LYS A 164 35.15 28.00 -20.54
C LYS A 164 35.08 26.49 -20.68
N LEU A 165 34.14 25.89 -19.97
CA LEU A 165 33.91 24.46 -19.94
C LEU A 165 32.56 24.15 -20.55
N CYS A 166 32.54 23.22 -21.52
CA CYS A 166 31.34 22.77 -22.23
C CYS A 166 31.08 21.31 -21.96
N CYS A 167 29.82 20.94 -21.61
CA CYS A 167 29.43 19.58 -21.24
C CYS A 167 28.26 19.03 -22.01
N ASP A 168 28.22 17.70 -22.10
CA ASP A 168 27.10 16.90 -22.58
C ASP A 168 26.67 16.11 -21.39
N VAL A 169 25.41 16.22 -21.03
CA VAL A 169 24.88 15.43 -19.92
C VAL A 169 23.92 14.41 -20.53
N ARG A 170 24.31 13.12 -20.52
CA ARG A 170 23.57 11.99 -21.10
C ARG A 170 22.80 11.19 -20.08
N PHE A 171 21.56 10.81 -20.44
CA PHE A 171 20.64 10.07 -19.62
C PHE A 171 20.20 8.85 -20.38
N LYS A 172 20.20 7.68 -19.71
CA LYS A 172 19.84 6.36 -20.24
C LYS A 172 18.89 5.72 -19.25
N PRO A 173 17.92 4.87 -19.68
CA PRO A 173 17.09 4.16 -18.70
C PRO A 173 17.93 3.08 -17.98
N TYR A 174 17.97 3.11 -16.62
CA TYR A 174 18.74 2.16 -15.81
C TYR A 174 18.06 0.81 -15.69
N LYS A 175 18.69 -0.24 -16.25
CA LYS A 175 18.20 -1.62 -16.24
C LYS A 175 16.79 -1.73 -16.86
N ASN A 176 16.47 -0.79 -17.79
CA ASN A 176 15.19 -0.71 -18.50
C ASN A 176 13.97 -0.82 -17.58
N MET A 177 14.17 -0.37 -16.32
CA MET A 177 13.17 -0.32 -15.26
C MET A 177 12.26 0.85 -15.57
N THR A 178 10.99 0.55 -15.81
CA THR A 178 9.93 1.48 -16.16
C THR A 178 8.89 1.45 -15.05
N PHE A 179 8.28 2.60 -14.74
CA PHE A 179 7.28 2.67 -13.70
C PHE A 179 6.11 3.50 -14.16
N LEU A 180 4.94 3.26 -13.59
CA LEU A 180 3.78 4.04 -13.93
C LEU A 180 3.47 4.87 -12.72
N ALA A 181 3.33 6.19 -12.90
CA ALA A 181 2.99 7.12 -11.83
C ALA A 181 1.52 7.42 -11.94
N VAL A 182 0.84 7.30 -10.81
CA VAL A 182 -0.60 7.53 -10.72
C VAL A 182 -0.97 8.41 -9.53
N LYS A 183 -1.95 9.35 -9.76
CA LYS A 183 -2.54 10.15 -8.70
C LYS A 183 -3.82 9.46 -8.26
N LEU A 184 -3.87 9.13 -6.98
CA LEU A 184 -5.02 8.46 -6.43
C LEU A 184 -5.84 9.49 -5.67
N GLU A 185 -7.12 9.60 -6.02
CA GLU A 185 -7.96 10.55 -5.28
C GLU A 185 -8.92 9.85 -4.32
N GLN A 186 -9.70 10.64 -3.58
CA GLN A 186 -10.67 10.20 -2.56
C GLN A 186 -11.47 9.01 -3.08
N PRO A 187 -11.46 7.87 -2.37
CA PRO A 187 -12.12 6.68 -2.89
C PRO A 187 -13.62 6.56 -2.62
N THR A 188 -14.23 5.55 -3.27
CA THR A 188 -15.55 5.02 -3.02
C THR A 188 -15.25 3.71 -2.26
N THR A 189 -16.11 3.31 -1.31
CA THR A 189 -15.92 2.14 -0.44
C THR A 189 -16.93 1.03 -0.75
N TYR A 190 -16.42 -0.20 -0.92
CA TYR A 190 -17.24 -1.41 -1.19
C TYR A 190 -16.90 -2.56 -0.22
N ALA A 191 -17.95 -3.19 0.30
CA ALA A 191 -17.85 -4.41 1.11
C ALA A 191 -18.31 -5.55 0.22
N THR A 192 -17.58 -6.67 0.27
CA THR A 192 -17.92 -7.88 -0.44
C THR A 192 -18.27 -8.87 0.65
N PHE A 193 -19.47 -9.43 0.54
CA PHE A 193 -19.96 -10.46 1.44
C PHE A 193 -20.07 -11.75 0.67
N VAL A 194 -19.96 -12.87 1.39
CA VAL A 194 -20.18 -14.17 0.81
C VAL A 194 -21.37 -14.74 1.55
N TYR A 195 -22.40 -15.04 0.77
CA TYR A 195 -23.57 -15.69 1.30
C TYR A 195 -23.47 -17.14 0.84
N ALA A 196 -23.50 -18.07 1.78
CA ALA A 196 -23.48 -19.50 1.52
C ALA A 196 -24.57 -20.15 2.33
N ALA A 197 -25.24 -21.18 1.75
CA ALA A 197 -26.30 -21.96 2.39
C ALA A 197 -25.83 -23.40 2.47
N TYR A 198 -26.03 -24.03 3.64
CA TYR A 198 -25.57 -25.39 3.89
C TYR A 198 -26.67 -26.29 4.42
N ASP A 199 -26.75 -27.49 3.84
CA ASP A 199 -27.66 -28.52 4.27
C ASP A 199 -26.77 -29.60 4.86
N PHE A 200 -27.23 -30.24 5.94
CA PHE A 200 -26.45 -31.31 6.54
C PHE A 200 -27.09 -32.66 6.13
N VAL A 201 -26.78 -33.11 4.90
CA VAL A 201 -27.27 -34.37 4.34
C VAL A 201 -26.30 -35.48 4.73
N ASN A 202 -26.84 -36.58 5.26
CA ASN A 202 -26.12 -37.76 5.74
C ASN A 202 -25.25 -37.44 6.97
N GLY A 203 -23.94 -37.30 6.76
CA GLY A 203 -22.98 -36.97 7.81
C GLY A 203 -21.96 -35.94 7.38
N TYR A 204 -22.24 -35.25 6.26
CA TYR A 204 -21.36 -34.22 5.72
C TYR A 204 -22.15 -32.96 5.38
N TRP A 205 -21.48 -31.79 5.42
CA TRP A 205 -22.09 -30.50 5.08
C TRP A 205 -22.13 -30.38 3.56
N VAL A 206 -23.29 -29.99 3.01
CA VAL A 206 -23.41 -29.78 1.58
C VAL A 206 -23.73 -28.32 1.23
N GLU A 207 -22.83 -27.67 0.46
CA GLU A 207 -22.98 -26.28 0.03
C GLU A 207 -24.01 -26.22 -1.12
N LYS A 208 -25.20 -25.66 -0.82
CA LYS A 208 -26.32 -25.55 -1.76
C LYS A 208 -26.28 -24.25 -2.59
N ASP A 209 -25.96 -23.11 -1.95
CA ASP A 209 -25.87 -21.80 -2.62
C ASP A 209 -24.59 -21.10 -2.20
N LYS A 210 -24.03 -20.24 -3.09
CA LYS A 210 -22.82 -19.45 -2.83
C LYS A 210 -22.79 -18.27 -3.78
N THR A 211 -23.01 -17.06 -3.25
CA THR A 211 -22.99 -15.85 -4.05
C THR A 211 -22.13 -14.77 -3.39
N LYS A 212 -21.56 -13.88 -4.21
CA LYS A 212 -20.79 -12.74 -3.73
C LYS A 212 -21.71 -11.51 -3.80
N ILE A 213 -21.88 -10.83 -2.66
CA ILE A 213 -22.70 -9.64 -2.54
C ILE A 213 -21.80 -8.42 -2.33
N ARG A 214 -21.88 -7.44 -3.24
CA ARG A 214 -21.14 -6.19 -3.20
C ARG A 214 -22.07 -5.04 -2.73
N SER A 215 -21.61 -4.26 -1.74
CA SER A 215 -22.38 -3.15 -1.18
C SER A 215 -21.52 -1.87 -0.99
N GLN A 216 -22.01 -0.71 -1.51
CA GLN A 216 -21.37 0.58 -1.35
C GLN A 216 -21.55 1.10 0.06
N LEU A 217 -20.47 1.63 0.65
CA LEU A 217 -20.44 2.10 2.03
C LEU A 217 -20.54 3.61 2.29
N ASP A 218 -20.23 4.47 1.29
CA ASP A 218 -20.21 5.92 1.44
C ASP A 218 -21.51 6.67 1.66
N GLY A 219 -22.64 6.07 1.31
CA GLY A 219 -23.95 6.68 1.44
C GLY A 219 -24.84 6.00 2.45
N GLY A 220 -26.13 5.95 2.12
CA GLY A 220 -27.15 5.36 2.96
C GLY A 220 -27.15 3.85 2.92
N THR A 221 -28.17 3.25 3.58
CA THR A 221 -28.35 1.82 3.68
C THR A 221 -28.51 1.18 2.30
N GLN A 222 -27.73 0.13 2.03
CA GLN A 222 -27.83 -0.58 0.76
C GLN A 222 -28.50 -1.89 1.02
N ASP A 223 -29.50 -2.17 0.20
CA ASP A 223 -30.35 -3.33 0.39
C ASP A 223 -30.51 -4.19 -0.87
N ARG A 224 -30.64 -5.51 -0.66
CA ARG A 224 -30.84 -6.51 -1.71
C ARG A 224 -31.42 -7.82 -1.16
N HIS A 225 -31.92 -8.67 -2.07
CA HIS A 225 -32.40 -10.00 -1.70
C HIS A 225 -31.18 -10.91 -1.57
N LEU A 226 -31.17 -11.79 -0.57
CA LEU A 226 -29.97 -12.60 -0.41
C LEU A 226 -30.09 -14.09 -0.69
N ASP A 227 -31.27 -14.69 -0.49
CA ASP A 227 -31.49 -16.12 -0.79
C ASP A 227 -32.04 -16.29 -2.22
N GLN A 228 -31.94 -17.53 -2.75
CA GLN A 228 -32.41 -17.87 -4.09
C GLN A 228 -33.93 -17.68 -4.25
N LYS A 229 -34.70 -17.88 -3.15
CA LYS A 229 -36.16 -17.79 -3.06
C LYS A 229 -36.69 -16.34 -2.87
N ARG A 230 -35.77 -15.35 -2.78
CA ARG A 230 -36.05 -13.91 -2.57
C ARG A 230 -36.97 -13.62 -1.33
N ARG A 231 -36.79 -14.45 -0.28
CA ARG A 231 -37.49 -14.43 1.01
C ARG A 231 -36.72 -13.61 2.05
N ILE A 232 -35.37 -13.67 2.01
CA ILE A 232 -34.50 -12.97 2.96
C ILE A 232 -33.81 -11.76 2.31
N SER A 233 -33.80 -10.61 3.03
CA SER A 233 -33.16 -9.39 2.57
C SER A 233 -32.05 -8.98 3.51
N LEU A 234 -30.96 -8.42 2.92
CA LEU A 234 -29.76 -7.96 3.62
C LEU A 234 -29.50 -6.46 3.41
N ALA A 235 -29.65 -5.69 4.49
CA ALA A 235 -29.38 -4.25 4.53
C ALA A 235 -28.03 -4.02 5.21
N VAL A 236 -27.17 -3.23 4.57
CA VAL A 236 -25.82 -2.90 5.05
C VAL A 236 -25.72 -1.38 5.25
N THR A 237 -25.16 -0.96 6.38
CA THR A 237 -25.03 0.46 6.72
C THR A 237 -23.67 0.69 7.44
N ALA A 238 -22.85 1.61 6.88
CA ALA A 238 -21.56 2.01 7.46
C ALA A 238 -21.83 3.26 8.33
N GLY A 239 -21.12 3.41 9.43
CA GLY A 239 -21.34 4.52 10.34
C GLY A 239 -20.62 5.82 10.10
N GLY A 240 -19.72 5.81 9.14
CA GLY A 240 -18.87 6.93 8.76
C GLY A 240 -17.82 6.39 7.82
N ARG A 241 -16.69 7.08 7.69
CA ARG A 241 -15.60 6.62 6.84
C ARG A 241 -14.91 5.37 7.43
N ALA A 242 -14.19 4.58 6.61
CA ALA A 242 -13.44 3.41 7.07
C ALA A 242 -12.34 3.89 8.01
N SER A 243 -12.02 3.12 9.05
CA SER A 243 -10.99 3.51 10.03
C SER A 243 -9.65 3.87 9.34
N HIS A 244 -9.38 3.26 8.18
CA HIS A 244 -8.19 3.55 7.37
C HIS A 244 -8.55 3.99 5.93
N GLN A 245 -7.61 4.64 5.31
CA GLN A 245 -7.67 5.09 3.93
C GLN A 245 -6.29 5.48 3.49
N LEU A 246 -5.99 5.17 2.25
CA LEU A 246 -4.77 5.59 1.62
C LEU A 246 -4.99 7.09 1.24
N GLU A 247 -4.05 7.94 1.67
CA GLU A 247 -4.10 9.38 1.46
C GLU A 247 -3.99 9.72 0.01
N THR A 248 -4.81 10.69 -0.43
CA THR A 248 -4.76 11.25 -1.76
C THR A 248 -3.33 11.65 -2.06
N GLY A 249 -2.81 11.21 -3.18
CA GLY A 249 -1.44 11.54 -3.55
C GLY A 249 -0.90 10.72 -4.69
N MET A 250 0.41 10.86 -4.89
CA MET A 250 1.17 10.19 -5.94
C MET A 250 1.68 8.83 -5.47
N TYR A 251 1.35 7.79 -6.23
CA TYR A 251 1.80 6.42 -5.99
C TYR A 251 2.36 5.85 -7.29
N PHE A 252 2.94 4.66 -7.25
CA PHE A 252 3.49 4.12 -8.49
C PHE A 252 3.74 2.63 -8.39
N SER A 253 3.86 1.95 -9.55
CA SER A 253 4.19 0.54 -9.62
C SER A 253 5.08 0.27 -10.81
N ARG A 254 5.81 -0.86 -10.79
CA ARG A 254 6.65 -1.31 -11.90
C ARG A 254 5.73 -1.64 -13.07
N THR A 255 6.19 -1.44 -14.29
CA THR A 255 5.45 -1.87 -15.47
C THR A 255 6.22 -3.03 -16.08
N SER A 256 5.54 -4.18 -16.26
CA SER A 256 6.14 -5.43 -16.77
C SER A 256 5.63 -5.92 -18.12
N ASN A 257 6.28 -6.97 -18.64
CA ASN A 257 5.91 -7.62 -19.89
C ASN A 257 4.65 -8.45 -19.60
N GLY A 258 3.56 -8.09 -20.28
CA GLY A 258 2.26 -8.73 -20.12
C GLY A 258 1.40 -7.97 -19.14
N GLY A 259 1.24 -8.55 -17.94
CA GLY A 259 0.47 -7.97 -16.84
C GLY A 259 1.17 -6.74 -16.28
N GLU A 260 1.14 -5.64 -17.07
CA GLU A 260 1.76 -4.33 -16.85
C GLU A 260 2.06 -3.97 -15.40
N THR A 261 1.02 -3.67 -14.60
CA THR A 261 1.15 -3.24 -13.20
C THR A 261 1.03 -4.29 -12.07
N GLU A 262 1.86 -4.10 -11.03
CA GLU A 262 1.91 -4.93 -9.82
C GLU A 262 1.43 -4.14 -8.55
N GLU A 263 2.04 -4.38 -7.37
CA GLU A 263 1.66 -3.68 -6.15
C GLU A 263 2.14 -2.24 -6.16
N LEU A 264 1.28 -1.32 -5.69
CA LEU A 264 1.61 0.09 -5.64
C LEU A 264 2.64 0.37 -4.56
N ARG A 265 3.39 1.47 -4.72
CA ARG A 265 4.42 1.91 -3.79
C ARG A 265 4.28 3.38 -3.63
N MET A 266 4.87 3.90 -2.57
CA MET A 266 4.95 5.30 -2.28
C MET A 266 6.38 5.72 -1.91
N GLN A 267 6.88 6.70 -2.66
CA GLN A 267 8.18 7.36 -2.54
C GLN A 267 7.97 8.76 -3.08
N PRO A 268 8.67 9.80 -2.54
CA PRO A 268 8.50 11.17 -3.09
C PRO A 268 8.45 11.21 -4.61
N LEU A 269 7.30 11.57 -5.16
CA LEU A 269 7.07 11.52 -6.60
C LEU A 269 6.28 12.70 -7.10
N ASN A 270 6.69 13.21 -8.25
CA ASN A 270 6.11 14.38 -8.89
C ASN A 270 4.78 14.17 -9.48
N GLU A 271 3.93 15.17 -9.32
CA GLU A 271 2.65 15.23 -9.99
C GLU A 271 3.01 15.55 -11.43
N ILE A 272 2.11 15.23 -12.34
CA ILE A 272 2.32 15.49 -13.76
C ILE A 272 2.82 16.91 -14.10
N THR A 273 2.30 17.95 -13.42
CA THR A 273 2.67 19.34 -13.68
C THR A 273 3.84 19.82 -12.87
N ASP A 274 4.40 18.97 -12.02
CA ASP A 274 5.51 19.33 -11.15
C ASP A 274 6.81 18.78 -11.73
N ASN A 275 7.91 19.44 -11.42
CA ASN A 275 9.21 19.08 -11.97
C ASN A 275 10.34 19.35 -10.98
N ASN A 276 10.21 18.74 -9.82
CA ASN A 276 11.11 18.86 -8.71
C ASN A 276 12.11 17.75 -8.88
N PHE A 277 13.36 18.09 -9.21
CA PHE A 277 14.45 17.15 -9.42
C PHE A 277 14.87 16.35 -8.19
N ASP A 278 14.34 16.67 -7.00
CA ASP A 278 14.63 15.92 -5.77
C ASP A 278 13.65 14.76 -5.59
N ARG A 279 12.70 14.62 -6.49
CA ARG A 279 11.67 13.62 -6.41
C ARG A 279 11.66 12.79 -7.67
N LEU A 280 11.06 11.60 -7.60
CA LEU A 280 10.90 10.71 -8.75
C LEU A 280 10.02 11.31 -9.84
N GLY A 281 10.16 10.80 -11.06
CA GLY A 281 9.31 11.17 -12.19
C GLY A 281 9.81 12.23 -13.14
N TRP A 282 11.01 12.82 -12.90
CA TRP A 282 11.53 13.85 -13.80
C TRP A 282 12.12 13.27 -15.08
N TYR A 283 12.34 11.92 -15.12
CA TYR A 283 12.84 11.16 -16.27
C TYR A 283 11.64 10.42 -16.88
N ARG A 284 10.92 11.09 -17.79
CA ARG A 284 9.64 10.62 -18.35
C ARG A 284 9.72 9.99 -19.69
N MET A 285 8.73 9.13 -20.01
CA MET A 285 8.62 8.43 -21.30
C MET A 285 7.54 9.09 -22.16
N ASP A 286 7.83 9.35 -23.47
CA ASP A 286 6.89 9.97 -24.41
C ASP A 286 5.93 8.92 -25.07
N ASP A 287 5.20 9.29 -26.14
CA ASP A 287 4.27 8.39 -26.86
C ASP A 287 4.96 7.08 -27.30
N SER A 288 6.17 7.19 -27.92
CA SER A 288 7.04 6.05 -28.23
C SER A 288 7.78 5.71 -26.91
N GLY A 289 8.47 4.57 -26.86
CA GLY A 289 9.17 4.19 -25.63
C GLY A 289 10.47 4.96 -25.38
N HIS A 290 10.48 6.31 -25.67
CA HIS A 290 11.65 7.16 -25.50
CA HIS A 290 11.66 7.16 -25.48
C HIS A 290 11.55 8.03 -24.26
N PHE A 291 12.55 7.90 -23.38
CA PHE A 291 12.70 8.64 -22.13
C PHE A 291 13.40 9.97 -22.38
N HIS A 292 12.98 11.02 -21.65
CA HIS A 292 13.54 12.36 -21.75
CA HIS A 292 13.48 12.40 -21.75
C HIS A 292 13.56 12.99 -20.36
N VAL A 293 14.41 14.01 -20.18
CA VAL A 293 14.45 14.71 -18.91
C VAL A 293 13.36 15.77 -19.10
N ASN A 294 12.33 15.73 -18.25
CA ASN A 294 11.20 16.65 -18.26
C ASN A 294 11.80 18.09 -18.23
N ASN A 295 11.55 18.86 -19.29
CA ASN A 295 12.06 20.22 -19.49
C ASN A 295 13.60 20.33 -19.40
N GLY A 296 14.27 19.27 -19.86
CA GLY A 296 15.73 19.09 -19.87
C GLY A 296 16.57 20.24 -20.40
N VAL A 297 16.28 20.68 -21.60
CA VAL A 297 17.01 21.78 -22.27
C VAL A 297 17.09 23.07 -21.41
N VAL A 298 15.93 23.45 -20.85
CA VAL A 298 15.72 24.60 -20.00
C VAL A 298 16.33 24.37 -18.59
N LYS A 299 16.11 23.20 -17.96
CA LYS A 299 16.48 22.92 -16.58
C LYS A 299 17.90 22.43 -16.34
N MET A 300 18.56 21.88 -17.38
CA MET A 300 19.91 21.32 -17.23
C MET A 300 20.92 22.19 -16.51
N ASP A 301 20.93 23.51 -16.82
CA ASP A 301 21.86 24.49 -16.22
C ASP A 301 21.63 24.72 -14.76
N ASP A 302 20.43 24.40 -14.29
CA ASP A 302 20.04 24.43 -12.89
C ASP A 302 20.47 23.13 -12.19
N ILE A 303 20.38 21.98 -12.86
CA ILE A 303 20.71 20.74 -12.17
C ILE A 303 22.16 20.28 -12.24
N HIS A 304 22.81 20.47 -13.41
CA HIS A 304 24.19 20.07 -13.66
C HIS A 304 25.13 21.18 -13.34
N LYS A 305 26.07 20.88 -12.45
CA LYS A 305 27.05 21.86 -11.97
C LYS A 305 28.42 21.27 -12.17
N ALA A 306 29.27 22.01 -12.88
CA ALA A 306 30.60 21.58 -13.21
C ALA A 306 31.63 22.71 -13.06
N LYS A 307 32.87 22.33 -12.78
CA LYS A 307 34.00 23.24 -12.57
C LYS A 307 35.27 22.57 -13.07
N VAL A 308 36.20 23.32 -13.71
CA VAL A 308 37.43 22.73 -14.22
C VAL A 308 38.39 22.36 -13.10
N LYS A 309 39.17 21.28 -13.30
CA LYS A 309 40.25 20.88 -12.40
C LYS A 309 41.51 21.41 -13.09
N ASN A 310 41.78 20.95 -14.34
CA ASN A 310 42.89 21.42 -15.19
C ASN A 310 42.41 21.49 -16.63
N CYS A 311 42.37 22.69 -17.20
CA CYS A 311 41.92 22.91 -18.56
C CYS A 311 42.69 22.13 -19.60
N LYS A 312 44.04 22.18 -19.54
CA LYS A 312 44.97 21.49 -20.44
C LYS A 312 44.80 19.97 -20.38
N GLU A 313 44.70 19.42 -19.16
CA GLU A 313 44.56 17.99 -18.89
C GLU A 313 43.13 17.50 -19.15
N GLN A 314 42.20 18.43 -19.47
CA GLN A 314 40.79 18.12 -19.73
C GLN A 314 40.09 17.43 -18.54
N THR A 315 40.38 17.88 -17.31
CA THR A 315 39.79 17.33 -16.08
C THR A 315 38.83 18.30 -15.43
N TYR A 316 37.78 17.76 -14.80
CA TYR A 316 36.76 18.62 -14.21
C TYR A 316 36.04 17.90 -13.06
N LYS A 317 35.22 18.66 -12.31
CA LYS A 317 34.35 18.17 -11.25
C LYS A 317 32.95 18.34 -11.80
N SER A 318 32.09 17.36 -11.57
CA SER A 318 30.74 17.43 -12.12
C SER A 318 29.81 16.71 -11.18
N ILE A 319 28.66 17.32 -10.94
CA ILE A 319 27.63 16.77 -10.06
C ILE A 319 26.26 17.05 -10.65
N LEU A 320 25.26 16.33 -10.17
CA LEU A 320 23.89 16.53 -10.59
C LEU A 320 23.09 16.85 -9.33
N SER A 321 22.75 18.12 -9.11
CA SER A 321 21.94 18.56 -7.95
C SER A 321 20.48 18.07 -8.19
N ALA A 322 20.28 16.76 -8.02
CA ALA A 322 19.05 16.04 -8.25
C ALA A 322 19.10 14.77 -7.43
N ASN A 323 17.95 14.10 -7.31
CA ASN A 323 17.82 12.82 -6.61
C ASN A 323 17.15 11.79 -7.55
N HIS A 324 17.27 10.48 -7.20
CA HIS A 324 16.68 9.34 -7.90
C HIS A 324 17.23 9.03 -9.28
N TYR A 325 18.54 8.85 -9.34
CA TYR A 325 19.25 8.53 -10.57
C TYR A 325 20.38 7.58 -10.22
N MET A 326 20.93 6.98 -11.25
CA MET A 326 22.01 6.04 -11.15
C MET A 326 23.25 6.59 -11.89
N PRO A 327 24.47 6.49 -11.34
CA PRO A 327 24.86 5.74 -10.15
C PRO A 327 24.75 6.41 -8.78
N GLY A 328 24.44 5.57 -7.79
CA GLY A 328 24.40 5.85 -6.36
C GLY A 328 23.41 6.82 -5.79
N HIS A 329 22.27 7.11 -6.50
CA HIS A 329 21.26 8.04 -5.99
C HIS A 329 19.81 7.55 -5.98
N PHE A 330 19.63 6.23 -6.16
CA PHE A 330 18.33 5.58 -6.13
C PHE A 330 18.24 4.29 -5.26
N ASN A 331 17.24 4.26 -4.41
CA ASN A 331 16.91 3.09 -3.60
C ASN A 331 15.41 3.00 -3.57
N LEU A 332 14.89 1.97 -4.24
CA LEU A 332 13.49 1.64 -4.39
C LEU A 332 12.85 1.16 -3.11
N THR A 333 11.76 1.83 -2.75
CA THR A 333 10.93 1.50 -1.60
C THR A 333 10.10 0.24 -1.91
N ARG A 334 9.95 -0.64 -0.91
CA ARG A 334 9.12 -1.85 -0.97
C ARG A 334 7.62 -1.45 -1.16
N PRO A 335 6.75 -2.36 -1.66
CA PRO A 335 5.33 -1.96 -1.83
C PRO A 335 4.65 -1.66 -0.50
N LEU A 336 3.51 -0.89 -0.60
CA LEU A 336 2.65 -0.40 0.48
C LEU A 336 2.18 -1.53 1.37
N GLU A 337 1.73 -2.64 0.77
CA GLU A 337 1.22 -3.79 1.51
C GLU A 337 2.28 -4.51 2.36
N VAL A 338 3.57 -4.34 2.02
CA VAL A 338 4.67 -4.96 2.75
C VAL A 338 4.96 -4.08 3.94
N ILE A 339 4.97 -2.78 3.75
CA ILE A 339 5.35 -1.84 4.80
C ILE A 339 4.24 -1.34 5.69
N LYS A 340 2.96 -1.40 5.23
CA LYS A 340 1.84 -0.90 6.04
C LYS A 340 0.95 -2.03 6.46
N PRO A 341 0.94 -2.37 7.79
CA PRO A 341 0.15 -3.54 8.26
C PRO A 341 -1.35 -3.56 7.95
N TRP A 342 -2.04 -2.38 7.90
CA TRP A 342 -3.48 -2.32 7.56
C TRP A 342 -3.78 -2.65 6.09
N ILE A 343 -2.77 -2.57 5.17
CA ILE A 343 -2.92 -2.84 3.74
C ILE A 343 -2.67 -4.31 3.40
N GLN A 344 -3.72 -5.00 2.94
CA GLN A 344 -3.58 -6.37 2.47
C GLN A 344 -3.04 -6.36 1.04
N SER A 345 -3.55 -5.41 0.23
CA SER A 345 -3.22 -5.27 -1.18
C SER A 345 -3.54 -3.85 -1.65
N ALA A 346 -2.74 -3.32 -2.59
CA ALA A 346 -2.94 -1.98 -3.19
C ALA A 346 -2.41 -2.07 -4.61
N ARG A 347 -3.32 -2.19 -5.56
CA ARG A 347 -3.05 -2.44 -6.97
C ARG A 347 -3.92 -1.59 -7.91
N ILE A 348 -3.46 -1.36 -9.16
CA ILE A 348 -4.29 -0.74 -10.20
C ILE A 348 -5.20 -1.89 -10.63
N PHE A 349 -6.52 -1.60 -10.78
CA PHE A 349 -7.51 -2.62 -11.06
C PHE A 349 -7.29 -3.48 -12.29
N ASP A 350 -7.12 -2.82 -13.44
CA ASP A 350 -7.00 -3.51 -14.72
C ASP A 350 -6.21 -2.63 -15.71
N SER A 351 -6.04 -3.11 -16.95
CA SER A 351 -5.29 -2.44 -18.01
C SER A 351 -5.84 -1.07 -18.46
N SER A 352 -7.08 -0.72 -18.09
CA SER A 352 -7.64 0.59 -18.46
C SER A 352 -7.02 1.70 -17.61
N LEU A 353 -6.41 1.33 -16.45
CA LEU A 353 -5.69 2.21 -15.52
C LEU A 353 -6.55 3.37 -14.97
N ARG A 354 -7.82 3.08 -14.63
CA ARG A 354 -8.77 4.10 -14.16
C ARG A 354 -9.00 4.08 -12.65
N GLN A 355 -8.89 2.88 -12.02
CA GLN A 355 -9.06 2.76 -10.57
C GLN A 355 -7.94 1.98 -9.93
N ALA A 356 -7.57 2.39 -8.72
CA ALA A 356 -6.65 1.65 -7.85
C ALA A 356 -7.52 1.06 -6.74
N VAL A 357 -7.39 -0.25 -6.53
CA VAL A 357 -8.14 -0.95 -5.50
C VAL A 357 -7.20 -1.20 -4.33
N VAL A 358 -7.62 -0.73 -3.14
CA VAL A 358 -6.93 -0.93 -1.89
C VAL A 358 -7.83 -1.82 -1.06
N THR A 359 -7.35 -3.04 -0.75
CA THR A 359 -8.03 -4.05 0.06
C THR A 359 -7.52 -3.93 1.51
N HIS A 360 -8.47 -3.81 2.47
CA HIS A 360 -8.14 -3.59 3.87
C HIS A 360 -8.00 -4.89 4.68
N ALA A 361 -6.91 -4.95 5.48
CA ALA A 361 -6.58 -6.05 6.37
C ALA A 361 -7.26 -5.81 7.71
N GLU A 362 -7.39 -4.50 8.09
CA GLU A 362 -7.97 -4.01 9.33
C GLU A 362 -9.04 -2.98 8.98
N GLY A 363 -10.21 -3.12 9.61
CA GLY A 363 -11.38 -2.27 9.41
C GLY A 363 -12.46 -2.49 10.45
N THR A 364 -13.22 -1.45 10.73
CA THR A 364 -14.32 -1.46 11.70
C THR A 364 -15.52 -2.26 11.18
N ASN A 365 -16.46 -2.60 12.10
CA ASN A 365 -17.64 -3.39 11.79
C ASN A 365 -18.65 -2.63 10.95
N LEU A 366 -19.57 -3.36 10.31
CA LEU A 366 -20.67 -2.76 9.57
C LEU A 366 -21.95 -3.17 10.22
N GLN A 367 -22.97 -2.29 10.19
CA GLN A 367 -24.31 -2.56 10.73
C GLN A 367 -25.11 -3.31 9.69
N ILE A 368 -25.68 -4.46 10.12
CA ILE A 368 -26.50 -5.37 9.31
C ILE A 368 -27.91 -5.47 9.89
N SER A 369 -28.89 -5.60 9.00
CA SER A 369 -30.30 -5.73 9.32
C SER A 369 -30.88 -6.73 8.38
N ILE A 370 -31.34 -7.86 8.92
CA ILE A 370 -31.96 -8.93 8.15
C ILE A 370 -33.47 -8.92 8.32
N HIS A 371 -34.20 -8.69 7.20
CA HIS A 371 -35.67 -8.65 7.12
C HIS A 371 -36.18 -9.67 6.13
N LEU A 372 -37.49 -10.05 6.24
CA LEU A 372 -38.08 -11.08 5.38
C LEU A 372 -39.16 -10.57 4.46
N GLU A 377 -46.15 -14.97 5.36
CA GLU A 377 -46.52 -15.76 6.54
C GLU A 377 -45.62 -15.49 7.77
N SER A 378 -45.94 -16.12 8.92
CA SER A 378 -45.19 -15.99 10.17
C SER A 378 -44.03 -16.99 10.21
N GLN A 379 -42.78 -16.47 10.13
CA GLN A 379 -41.54 -17.26 10.15
C GLN A 379 -40.62 -16.75 11.28
N ASN A 380 -39.76 -17.64 11.80
CA ASN A 380 -38.83 -17.31 12.87
C ASN A 380 -37.37 -17.38 12.39
N LEU A 381 -36.61 -16.32 12.68
CA LEU A 381 -35.20 -16.23 12.31
C LEU A 381 -34.35 -16.44 13.57
N VAL A 382 -33.56 -17.53 13.61
CA VAL A 382 -32.73 -17.87 14.78
C VAL A 382 -31.25 -17.82 14.41
N PHE A 383 -30.44 -17.03 15.16
CA PHE A 383 -29.01 -16.91 14.94
C PHE A 383 -28.23 -17.94 15.76
N PHE A 384 -27.18 -18.50 15.14
CA PHE A 384 -26.34 -19.53 15.76
C PHE A 384 -24.87 -19.18 15.70
N HIS A 385 -24.12 -19.56 16.76
CA HIS A 385 -22.68 -19.39 16.81
C HIS A 385 -22.00 -20.67 17.23
N ASN A 386 -20.69 -20.82 16.94
CA ASN A 386 -19.90 -21.99 17.38
C ASN A 386 -19.00 -21.52 18.53
N ALA A 387 -18.54 -22.45 19.35
CA ALA A 387 -17.61 -22.20 20.46
C ALA A 387 -16.25 -21.73 19.94
N SER A 388 -15.49 -21.05 20.83
CA SER A 388 -14.15 -20.57 20.52
C SER A 388 -13.14 -21.45 21.25
N ARG A 389 -12.04 -21.78 20.55
CA ARG A 389 -10.98 -22.60 21.10
C ARG A 389 -9.63 -22.07 20.63
N ILE A 390 -8.59 -22.45 21.38
CA ILE A 390 -7.17 -22.16 21.18
C ILE A 390 -6.37 -23.20 22.00
N ARG A 391 -5.45 -23.93 21.35
CA ARG A 391 -4.62 -24.89 22.07
C ARG A 391 -3.44 -24.13 22.69
N ASP A 392 -2.71 -23.37 21.86
CA ASP A 392 -1.54 -22.61 22.28
C ASP A 392 -1.28 -21.43 21.33
N PHE A 393 -0.32 -20.57 21.68
CA PHE A 393 0.12 -19.44 20.88
C PHE A 393 1.64 -19.19 20.98
N SER A 394 2.15 -18.47 20.02
CA SER A 394 3.54 -18.04 19.98
C SER A 394 3.57 -16.67 19.32
N GLY A 395 4.64 -15.93 19.59
CA GLY A 395 4.84 -14.60 19.05
C GLY A 395 6.03 -13.83 19.55
N SER A 396 6.10 -12.57 19.13
CA SER A 396 7.16 -11.64 19.51
C SER A 396 6.61 -10.25 19.41
N ILE A 397 7.02 -9.33 20.31
CA ILE A 397 6.61 -7.93 20.19
C ILE A 397 7.66 -7.26 19.29
N ILE A 398 7.21 -6.72 18.17
CA ILE A 398 8.09 -6.09 17.18
C ILE A 398 7.80 -4.59 17.07
N VAL A 399 8.86 -3.78 16.90
CA VAL A 399 8.82 -2.37 16.52
C VAL A 399 9.65 -2.38 15.25
N ASP A 400 8.98 -2.44 14.10
CA ASP A 400 9.66 -2.51 12.81
C ASP A 400 10.43 -1.21 12.39
N SER A 401 11.16 -1.29 11.24
CA SER A 401 11.97 -0.17 10.72
C SER A 401 11.14 1.05 10.25
N LYS A 402 9.81 0.91 10.27
CA LYS A 402 8.85 1.96 9.89
C LYS A 402 8.04 2.45 11.10
N SER A 403 8.44 2.02 12.32
CA SER A 403 7.89 2.37 13.63
C SER A 403 6.52 1.76 13.99
N ASN A 404 6.13 0.69 13.30
CA ASN A 404 4.89 0.00 13.62
C ASN A 404 5.10 -0.83 14.88
N ARG A 405 4.29 -0.56 15.93
CA ARG A 405 4.39 -1.32 17.18
C ARG A 405 3.32 -2.41 17.16
N LEU A 406 3.74 -3.65 17.15
CA LEU A 406 2.79 -4.74 17.04
C LEU A 406 3.22 -6.03 17.71
N PHE A 407 2.24 -6.91 17.95
CA PHE A 407 2.44 -8.27 18.47
C PHE A 407 2.28 -9.21 17.28
N ASN A 408 3.39 -9.85 16.82
CA ASN A 408 3.30 -10.81 15.72
C ASN A 408 2.80 -12.10 16.36
N LEU A 409 1.49 -12.31 16.27
CA LEU A 409 0.81 -13.44 16.88
C LEU A 409 0.57 -14.62 15.95
N THR A 410 0.92 -15.81 16.44
CA THR A 410 0.65 -17.08 15.77
C THR A 410 -0.09 -17.96 16.76
N VAL A 411 -1.30 -18.37 16.38
CA VAL A 411 -2.19 -19.22 17.19
C VAL A 411 -2.11 -20.68 16.71
N TYR A 412 -2.33 -21.63 17.63
CA TYR A 412 -2.26 -23.07 17.34
C TYR A 412 -3.55 -23.72 17.73
N GLU A 413 -4.12 -24.50 16.81
CA GLU A 413 -5.41 -25.21 16.95
C GLU A 413 -6.48 -24.29 17.51
N ALA A 414 -6.63 -23.12 16.87
CA ALA A 414 -7.55 -22.06 17.27
C ALA A 414 -8.64 -21.82 16.24
N SER A 415 -9.77 -21.26 16.72
CA SER A 415 -10.97 -20.92 15.96
C SER A 415 -11.83 -19.95 16.78
N GLY A 416 -12.32 -18.88 16.15
CA GLY A 416 -13.22 -17.93 16.79
C GLY A 416 -12.62 -16.73 17.47
N LYS A 417 -13.31 -16.28 18.52
CA LYS A 417 -12.98 -15.09 19.31
C LYS A 417 -11.98 -15.40 20.43
N ILE A 418 -10.79 -14.80 20.35
CA ILE A 418 -9.73 -15.00 21.32
C ILE A 418 -9.34 -13.67 21.98
N ASP A 419 -9.56 -13.60 23.30
CA ASP A 419 -9.26 -12.40 24.10
C ASP A 419 -7.86 -12.46 24.66
N GLY A 420 -7.10 -11.42 24.37
CA GLY A 420 -5.72 -11.26 24.81
C GLY A 420 -5.55 -10.12 25.78
N SER A 421 -4.58 -10.28 26.67
CA SER A 421 -4.24 -9.28 27.67
C SER A 421 -2.72 -9.18 27.75
N VAL A 422 -2.20 -7.95 27.64
CA VAL A 422 -0.78 -7.65 27.66
C VAL A 422 -0.46 -7.18 29.07
N LYS A 423 0.63 -7.72 29.67
CA LYS A 423 1.01 -7.43 31.06
C LYS A 423 2.16 -6.43 31.20
N MET A 424 2.32 -5.85 32.41
CA MET A 424 3.37 -4.86 32.70
C MET A 424 4.78 -5.47 32.73
N SER A 425 4.91 -6.70 33.23
CA SER A 425 6.20 -7.36 33.31
C SER A 425 6.13 -8.80 32.82
N THR A 426 7.18 -9.59 33.06
CA THR A 426 7.25 -11.00 32.67
C THR A 426 6.35 -11.89 33.50
N GLY A 427 6.02 -11.45 34.73
CA GLY A 427 5.11 -12.14 35.63
C GLY A 427 3.70 -12.15 35.09
N PHE A 428 3.09 -13.33 35.07
CA PHE A 428 1.72 -13.58 34.58
C PHE A 428 0.67 -12.83 35.40
N GLY A 429 0.92 -12.67 36.70
CA GLY A 429 0.03 -11.95 37.60
C GLY A 429 0.23 -10.44 37.64
N SER A 430 1.16 -9.92 36.80
CA SER A 430 1.43 -8.48 36.78
C SER A 430 0.28 -7.75 36.16
N ASP A 431 0.22 -6.43 36.40
CA ASP A 431 -0.85 -5.56 35.93
C ASP A 431 -1.07 -5.63 34.44
N THR A 432 -2.34 -5.68 34.03
CA THR A 432 -2.74 -5.69 32.62
C THR A 432 -2.55 -4.23 32.08
N ILE A 433 -1.72 -4.08 31.03
CA ILE A 433 -1.47 -2.76 30.43
C ILE A 433 -2.27 -2.52 29.15
N HIS A 434 -2.75 -3.60 28.51
CA HIS A 434 -3.57 -3.54 27.31
C HIS A 434 -4.36 -4.83 27.11
N THR A 435 -5.54 -4.73 26.51
CA THR A 435 -6.42 -5.88 26.20
C THR A 435 -6.89 -5.79 24.76
N PHE A 436 -7.02 -6.93 24.12
CA PHE A 436 -7.46 -7.01 22.73
C PHE A 436 -8.25 -8.30 22.47
N THR A 437 -8.87 -8.35 21.28
CA THR A 437 -9.61 -9.51 20.80
C THR A 437 -9.10 -9.77 19.38
N ALA A 438 -8.83 -11.04 19.07
CA ALA A 438 -8.39 -11.54 17.76
C ALA A 438 -9.48 -12.50 17.27
N TYR A 439 -9.71 -12.57 15.95
CA TYR A 439 -10.74 -13.43 15.37
C TYR A 439 -10.16 -14.41 14.36
N VAL A 440 -10.28 -15.73 14.64
CA VAL A 440 -9.80 -16.80 13.75
C VAL A 440 -10.95 -17.33 12.88
N SER A 441 -10.78 -17.22 11.55
CA SER A 441 -11.77 -17.54 10.51
C SER A 441 -12.20 -19.02 10.32
N ASP A 442 -11.23 -19.96 10.44
CA ASP A 442 -11.48 -21.39 10.20
C ASP A 442 -12.47 -22.03 11.16
N LEU A 443 -13.46 -22.79 10.60
CA LEU A 443 -14.50 -23.54 11.35
C LEU A 443 -13.85 -24.62 12.23
N HIS A 444 -12.79 -25.28 11.71
CA HIS A 444 -11.99 -26.28 12.41
C HIS A 444 -10.84 -25.55 13.07
N ALA A 445 -10.34 -26.07 14.20
CA ALA A 445 -9.19 -25.52 14.93
C ALA A 445 -7.97 -25.46 13.99
N SER A 446 -7.43 -24.25 13.73
CA SER A 446 -6.33 -24.06 12.78
C SER A 446 -5.16 -23.19 13.28
N ASN A 447 -3.95 -23.42 12.69
CA ASN A 447 -2.70 -22.68 12.96
C ASN A 447 -2.58 -21.48 12.02
N ARG A 448 -2.72 -20.24 12.54
CA ARG A 448 -2.72 -18.98 11.74
C ARG A 448 -1.89 -17.82 12.35
N SER A 449 -1.19 -17.04 11.48
CA SER A 449 -0.42 -15.84 11.89
C SER A 449 -1.24 -14.53 11.73
N MET A 450 -1.09 -13.59 12.68
CA MET A 450 -1.77 -12.29 12.67
C MET A 450 -1.06 -11.13 13.37
N ILE A 451 -1.21 -9.95 12.83
CA ILE A 451 -0.63 -8.73 13.42
C ILE A 451 -1.62 -8.00 14.34
N ILE A 452 -1.30 -7.93 15.64
CA ILE A 452 -2.10 -7.19 16.64
C ILE A 452 -1.36 -5.87 16.90
N PRO A 453 -1.95 -4.69 16.57
CA PRO A 453 -1.25 -3.41 16.86
C PRO A 453 -1.22 -3.16 18.38
N LEU A 454 -0.14 -2.52 18.87
CA LEU A 454 0.00 -2.27 20.31
C LEU A 454 0.13 -0.77 20.63
N PRO A 455 -0.45 -0.29 21.75
CA PRO A 455 -0.31 1.14 22.08
C PRO A 455 1.11 1.42 22.63
N ALA A 456 1.55 2.68 22.56
CA ALA A 456 2.85 3.14 22.98
C ALA A 456 3.27 2.70 24.41
N ILE A 457 2.30 2.40 25.29
CA ILE A 457 2.48 1.92 26.69
C ILE A 457 3.23 0.59 26.73
N VAL A 458 3.06 -0.24 25.68
CA VAL A 458 3.75 -1.51 25.55
C VAL A 458 5.13 -1.17 24.97
N GLY A 459 5.99 -0.60 25.82
CA GLY A 459 7.35 -0.21 25.46
C GLY A 459 8.31 -1.39 25.45
N GLN A 460 9.62 -1.08 25.60
CA GLN A 460 10.74 -2.03 25.56
C GLN A 460 10.68 -3.15 26.57
N GLY A 461 11.37 -4.25 26.27
CA GLY A 461 11.50 -5.40 27.15
C GLY A 461 10.45 -6.48 27.05
N ALA A 462 10.81 -7.68 27.52
CA ALA A 462 9.92 -8.83 27.55
C ALA A 462 8.78 -8.58 28.55
N ARG A 463 7.64 -9.23 28.30
CA ARG A 463 6.45 -9.16 29.13
C ARG A 463 5.56 -10.34 28.83
N ALA A 464 4.68 -10.66 29.79
CA ALA A 464 3.70 -11.71 29.63
C ALA A 464 2.50 -11.24 28.78
N ILE A 465 1.99 -12.15 27.96
CA ILE A 465 0.77 -11.98 27.19
C ILE A 465 -0.03 -13.25 27.43
N CYS A 466 -1.27 -13.09 27.85
CA CYS A 466 -2.18 -14.18 28.16
C CYS A 466 -3.35 -14.17 27.21
N LEU A 467 -3.63 -15.34 26.62
CA LEU A 467 -4.72 -15.51 25.67
C LEU A 467 -5.76 -16.48 26.21
N ARG A 468 -7.03 -16.12 26.08
CA ARG A 468 -8.19 -16.91 26.52
C ARG A 468 -9.26 -16.86 25.43
N ALA A 469 -9.82 -18.02 25.05
CA ALA A 469 -10.90 -18.10 24.05
C ALA A 469 -12.19 -17.66 24.72
N ASP A 470 -13.12 -17.05 23.95
CA ASP A 470 -14.43 -16.59 24.44
C ASP A 470 -15.18 -17.71 25.19
N SER A 471 -15.63 -17.38 26.42
CA SER A 471 -16.38 -18.26 27.34
C SER A 471 -15.61 -19.54 27.79
N MET A 472 -14.40 -19.30 28.31
CA MET A 472 -13.51 -20.31 28.88
C MET A 472 -13.11 -19.76 30.23
N ALA A 473 -12.97 -20.62 31.26
CA ALA A 473 -12.57 -20.17 32.61
C ALA A 473 -11.25 -19.35 32.58
N ASP A 474 -11.08 -18.38 33.51
CA ASP A 474 -9.85 -17.56 33.59
C ASP A 474 -8.59 -18.44 33.83
N ILE A 475 -8.79 -19.65 34.40
CA ILE A 475 -7.81 -20.69 34.70
C ILE A 475 -7.33 -21.28 33.36
N ASP A 476 -8.25 -21.33 32.35
CA ASP A 476 -8.06 -21.83 30.98
C ASP A 476 -7.39 -20.82 30.03
N LYS A 477 -6.57 -19.91 30.58
CA LYS A 477 -5.83 -18.95 29.79
C LYS A 477 -4.43 -19.47 29.57
N ILE A 478 -3.83 -19.12 28.43
CA ILE A 478 -2.47 -19.53 28.09
C ILE A 478 -1.63 -18.29 28.19
N CYS A 479 -0.75 -18.23 29.19
CA CYS A 479 0.18 -17.11 29.35
C CYS A 479 1.53 -17.52 28.81
N HIS A 480 2.27 -16.54 28.27
CA HIS A 480 3.64 -16.72 27.76
C HIS A 480 4.42 -15.42 27.94
N VAL A 481 5.75 -15.52 28.14
CA VAL A 481 6.65 -14.38 28.19
C VAL A 481 7.05 -14.18 26.73
N ILE A 482 6.72 -13.01 26.20
CA ILE A 482 6.96 -12.63 24.82
C ILE A 482 8.15 -11.66 24.73
N GLU A 483 9.14 -12.03 23.90
CA GLU A 483 10.35 -11.23 23.68
C GLU A 483 10.07 -10.01 22.76
N TYR A 484 10.81 -8.93 22.99
CA TYR A 484 10.71 -7.63 22.31
C TYR A 484 11.81 -7.42 21.28
N PHE A 485 11.46 -7.01 20.03
CA PHE A 485 12.45 -6.80 18.96
C PHE A 485 12.23 -5.47 18.29
N GLU A 486 13.12 -4.52 18.53
CA GLU A 486 13.00 -3.19 17.95
C GLU A 486 14.02 -2.99 16.85
N SER A 487 13.54 -2.78 15.63
CA SER A 487 14.42 -2.49 14.49
C SER A 487 14.65 -0.98 14.47
N PRO A 488 15.88 -0.51 14.29
CA PRO A 488 16.08 0.96 14.20
C PRO A 488 15.28 1.52 13.03
N LEU A 489 14.87 2.79 13.12
CA LEU A 489 14.15 3.45 12.04
C LEU A 489 15.02 3.45 10.78
N PHE A 490 14.51 2.90 9.69
CA PHE A 490 15.24 2.95 8.44
C PHE A 490 14.66 4.09 7.62
N GLU A 491 15.52 5.00 7.17
CA GLU A 491 15.11 6.15 6.36
C GLU A 491 16.18 6.53 5.34
N ASP A 492 15.77 7.22 4.25
CA ASP A 492 16.67 7.69 3.19
C ASP A 492 17.35 9.02 3.56
N ASP A 493 18.30 9.50 2.73
CA ASP A 493 19.06 10.74 2.94
C ASP A 493 19.75 10.85 4.31
N GLY A 498 30.38 12.94 -3.43
CA GLY A 498 29.72 14.15 -3.93
C GLY A 498 30.06 14.39 -5.40
N TRP A 499 31.20 15.04 -5.66
CA TRP A 499 31.66 15.40 -7.00
C TRP A 499 32.38 14.28 -7.76
N SER A 500 31.95 14.04 -9.00
CA SER A 500 32.55 13.06 -9.90
C SER A 500 33.71 13.75 -10.65
N HIS A 501 34.77 12.99 -11.00
CA HIS A 501 35.97 13.45 -11.70
C HIS A 501 35.79 13.46 -13.27
N PRO A 502 36.80 13.76 -14.14
CA PRO A 502 36.56 13.72 -15.60
C PRO A 502 36.14 12.36 -16.15
#